data_1CF8
#
_entry.id   1CF8
#
_cell.length_a   101.300
_cell.length_b   70.300
_cell.length_c   69.600
_cell.angle_alpha   90.00
_cell.angle_beta   114.20
_cell.angle_gamma   90.00
#
_symmetry.space_group_name_H-M   'C 1 2 1'
#
loop_
_entity.id
_entity.type
_entity.pdbx_description
1 polymer 'PROTEIN (CATALYTIC ANTIBODY 19A4 (LIGHT CHAIN))'
2 polymer 'PROTEIN (CATALYTIC ANTIBODY 19A4 (HEAVY CHAIN))'
3 non-polymer 'CADMIUM ION'
4 non-polymer '4-{4-[2-(1A,7A-DIMETHYL-4-OXY-OCTAHYDRO-1-OXA-4-AZA-CYCLOPROPA[A]NAPHTHALEN-4-YL) -ACETYLAMINO]-PHENYLCARBAMOYL}-BUTYRIC ACID'
5 water water
#
loop_
_entity_poly.entity_id
_entity_poly.type
_entity_poly.pdbx_seq_one_letter_code
_entity_poly.pdbx_strand_id
1 'polypeptide(L)'
;DIVLTQSPTIMSVSPGEKVTLTCSASSSVSSNYVYWYQQKPGSSPKVWIYSTSNLASGVPARFSGSGSGTSYSLTISSME
AEDAASYFCLQWSSFPYTFGGGTKLELKRADVAPTVSIFPPSSEQLTSGGASVVCFLNNFYPKDINVKWKIDGSERQNGV
LNSWTDQDSKDSTYSMSSTLTLTKDEYERHNSYTCEATHKTSTSPIVKSFNRNEC
;
L
2 'polypeptide(L)'
;DVQLQESGPGLVKPSQSLSLTCTVTGYSITSGYAWNWIRQFPGNKLEWMGYIRYSGDTRYNPSLKSRISITRDTSKNQFF
LQLNSVTTEDTATYYCAIGYGNSDYWGQGTLVTVSAAKTTPPSVYPLAPGCGDTTGSSVTLGCLVKGYFPESVTVTWNSG
SLSSSVHAFPALLQSDLYTMSSSVTVPSSTWPSQTVTCSVAHPASSTTVDKKLEPKDC
;
H
#
loop_
_chem_comp.id
_chem_comp.type
_chem_comp.name
_chem_comp.formula
CD non-polymer 'CADMIUM ION' 'Cd 2'
HAZ non-polymer '4-{4-[2-(1A,7A-DIMETHYL-4-OXY-OCTAHYDRO-1-OXA-4-AZA-CYCLOPROPA[A]NAPHTHALEN-4-YL) -ACETYLAMINO]-PHENYLCARBAMOYL}-BUTYRIC ACID' 'C24 H33 N3 O6'
#
# COMPACT_ATOMS: atom_id res chain seq x y z
N ASP A 1 -18.25 22.06 -1.74
CA ASP A 1 -16.87 22.52 -1.36
C ASP A 1 -16.71 22.66 0.15
N ILE A 2 -17.53 21.90 0.85
CA ILE A 2 -17.48 21.87 2.28
C ILE A 2 -16.23 21.08 2.59
N VAL A 3 -15.55 21.43 3.66
CA VAL A 3 -14.36 20.69 4.05
C VAL A 3 -14.79 19.68 5.09
N LEU A 4 -14.42 18.43 4.93
CA LEU A 4 -14.81 17.43 5.91
C LEU A 4 -13.60 17.04 6.75
N THR A 5 -13.76 17.04 8.06
CA THR A 5 -12.68 16.69 8.97
C THR A 5 -12.95 15.41 9.76
N GLN A 6 -12.05 14.44 9.62
CA GLN A 6 -12.20 13.17 10.32
C GLN A 6 -11.23 13.04 11.48
N SER A 7 -11.76 12.54 12.60
CA SER A 7 -10.97 12.31 13.77
C SER A 7 -11.51 11.07 14.48
N PRO A 8 -10.59 10.25 15.05
CA PRO A 8 -9.15 10.53 14.97
C PRO A 8 -8.69 10.08 13.60
N THR A 9 -7.47 10.41 13.21
CA THR A 9 -6.99 9.96 11.90
C THR A 9 -6.51 8.49 11.96
N ILE A 10 -5.92 8.12 13.09
CA ILE A 10 -5.44 6.76 13.31
C ILE A 10 -5.86 6.36 14.73
N MET A 11 -6.24 5.10 14.92
CA MET A 11 -6.69 4.65 16.23
C MET A 11 -6.66 3.14 16.34
N SER A 12 -6.17 2.64 17.47
CA SER A 12 -6.11 1.20 17.74
C SER A 12 -7.26 0.81 18.65
N VAL A 13 -7.98 -0.22 18.25
CA VAL A 13 -9.12 -0.65 19.03
C VAL A 13 -9.01 -2.11 19.44
N SER A 14 -9.33 -2.38 20.71
CA SER A 14 -9.32 -3.72 21.25
C SER A 14 -10.55 -4.45 20.71
N PRO A 15 -10.46 -5.77 20.54
CA PRO A 15 -11.62 -6.51 20.02
C PRO A 15 -12.81 -6.39 20.97
N GLY A 16 -13.98 -6.09 20.40
CA GLY A 16 -15.20 -5.96 21.19
C GLY A 16 -15.48 -4.56 21.70
N GLU A 17 -14.50 -3.69 21.54
CA GLU A 17 -14.63 -2.31 21.98
C GLU A 17 -15.51 -1.53 21.02
N LYS A 18 -16.28 -0.60 21.56
CA LYS A 18 -17.18 0.26 20.78
C LYS A 18 -16.40 1.50 20.33
N VAL A 19 -16.33 1.72 19.03
CA VAL A 19 -15.62 2.90 18.54
C VAL A 19 -16.52 3.76 17.68
N THR A 20 -16.35 5.07 17.83
CA THR A 20 -17.12 6.04 17.07
C THR A 20 -16.17 6.91 16.28
N LEU A 21 -16.39 6.96 14.98
CA LEU A 21 -15.60 7.79 14.08
C LEU A 21 -16.45 9.03 13.84
N THR A 22 -15.82 10.15 13.62
CA THR A 22 -16.57 11.38 13.41
C THR A 22 -16.22 12.07 12.11
N CYS A 23 -17.15 12.86 11.61
CA CYS A 23 -16.95 13.58 10.37
C CYS A 23 -17.58 14.95 10.46
N SER A 24 -16.78 15.98 10.72
CA SER A 24 -17.26 17.36 10.82
C SER A 24 -17.18 18.10 9.49
N ALA A 25 -18.26 18.79 9.13
CA ALA A 25 -18.31 19.56 7.89
C ALA A 25 -18.12 21.08 8.13
N SER A 26 -17.56 21.77 7.15
CA SER A 26 -17.33 23.20 7.24
C SER A 26 -18.63 24.00 7.20
N SER A 27 -19.66 23.39 6.63
CA SER A 27 -20.97 24.03 6.51
C SER A 27 -22.01 22.93 6.48
N SER A 28 -23.23 23.24 6.89
CA SER A 28 -24.30 22.26 6.90
C SER A 28 -24.45 21.56 5.57
N VAL A 29 -24.77 20.28 5.64
CA VAL A 29 -24.96 19.46 4.46
C VAL A 29 -26.14 18.53 4.72
N SER A 30 -26.90 18.21 3.68
CA SER A 30 -28.07 17.34 3.80
C SER A 30 -27.68 15.90 4.11
N SER A 31 -28.15 15.41 5.26
CA SER A 31 -27.86 14.05 5.72
C SER A 31 -27.99 13.03 4.60
N ASN A 32 -29.00 13.22 3.76
CA ASN A 32 -29.27 12.34 2.64
C ASN A 32 -28.06 12.07 1.78
N TYR A 33 -27.22 13.09 1.62
CA TYR A 33 -26.05 12.97 0.77
C TYR A 33 -24.74 12.80 1.51
N VAL A 34 -24.79 12.13 2.66
CA VAL A 34 -23.58 11.86 3.44
C VAL A 34 -23.37 10.35 3.43
N TYR A 35 -22.39 9.91 2.65
CA TYR A 35 -22.07 8.50 2.55
C TYR A 35 -20.80 8.18 3.30
N TRP A 36 -20.63 6.93 3.68
CA TRP A 36 -19.42 6.51 4.36
C TRP A 36 -18.80 5.41 3.52
N TYR A 37 -17.49 5.38 3.47
CA TYR A 37 -16.80 4.39 2.68
C TYR A 37 -15.76 3.65 3.47
N GLN A 38 -15.74 2.34 3.26
CA GLN A 38 -14.76 1.49 3.90
C GLN A 38 -13.77 1.08 2.83
N GLN A 39 -12.48 1.18 3.14
CA GLN A 39 -11.46 0.78 2.20
C GLN A 39 -10.39 -0.12 2.85
N LYS A 40 -10.34 -1.37 2.41
CA LYS A 40 -9.34 -2.31 2.91
C LYS A 40 -8.17 -2.16 1.94
N PRO A 41 -6.93 -2.26 2.42
CA PRO A 41 -5.79 -2.14 1.51
C PRO A 41 -5.87 -3.11 0.32
N GLY A 42 -5.59 -2.60 -0.87
CA GLY A 42 -5.63 -3.43 -2.07
C GLY A 42 -6.90 -3.27 -2.87
N SER A 43 -7.96 -2.80 -2.20
CA SER A 43 -9.26 -2.59 -2.83
C SER A 43 -9.68 -1.14 -2.81
N SER A 44 -10.62 -0.80 -3.66
CA SER A 44 -11.16 0.55 -3.74
C SER A 44 -12.19 0.68 -2.63
N PRO A 45 -12.58 1.92 -2.28
CA PRO A 45 -13.59 2.06 -1.22
C PRO A 45 -14.89 1.42 -1.67
N LYS A 46 -15.67 0.95 -0.69
CA LYS A 46 -16.96 0.30 -0.93
C LYS A 46 -17.91 1.12 -0.08
N VAL A 47 -19.09 1.44 -0.60
CA VAL A 47 -20.05 2.22 0.18
C VAL A 47 -20.40 1.40 1.42
N TRP A 48 -20.25 2.02 2.58
CA TRP A 48 -20.55 1.32 3.82
C TRP A 48 -21.87 1.79 4.40
N ILE A 49 -22.09 3.09 4.39
CA ILE A 49 -23.33 3.70 4.88
C ILE A 49 -23.71 4.83 3.96
N TYR A 50 -24.98 4.88 3.56
CA TYR A 50 -25.43 5.94 2.68
C TYR A 50 -26.57 6.68 3.36
N SER A 51 -26.74 7.96 3.03
CA SER A 51 -27.78 8.77 3.63
C SER A 51 -27.67 8.82 5.16
N THR A 52 -26.44 8.97 5.65
CA THR A 52 -26.15 9.08 7.07
C THR A 52 -26.37 7.84 7.97
N SER A 53 -27.53 7.22 7.89
CA SER A 53 -27.81 6.10 8.77
C SER A 53 -28.20 4.77 8.14
N ASN A 54 -28.34 4.76 6.83
CA ASN A 54 -28.73 3.54 6.14
C ASN A 54 -27.50 2.70 5.79
N LEU A 55 -27.50 1.45 6.25
CA LEU A 55 -26.41 0.51 5.98
C LEU A 55 -26.51 -0.01 4.56
N ALA A 56 -25.39 -0.03 3.84
CA ALA A 56 -25.36 -0.52 2.48
C ALA A 56 -25.47 -2.03 2.54
N SER A 57 -25.71 -2.67 1.41
CA SER A 57 -25.82 -4.12 1.41
C SER A 57 -24.54 -4.82 1.90
N GLY A 58 -24.72 -5.93 2.59
CA GLY A 58 -23.61 -6.68 3.11
C GLY A 58 -23.00 -6.12 4.38
N VAL A 59 -23.34 -4.87 4.71
CA VAL A 59 -22.79 -4.28 5.93
C VAL A 59 -23.48 -4.86 7.16
N PRO A 60 -22.70 -5.38 8.12
CA PRO A 60 -23.25 -5.96 9.35
C PRO A 60 -23.86 -4.94 10.31
N ALA A 61 -24.79 -5.43 11.13
CA ALA A 61 -25.53 -4.65 12.11
C ALA A 61 -24.73 -3.91 13.19
N ARG A 62 -23.51 -4.35 13.48
CA ARG A 62 -22.69 -3.68 14.50
C ARG A 62 -22.33 -2.27 14.07
N PHE A 63 -22.62 -1.98 12.80
CA PHE A 63 -22.39 -0.68 12.21
C PHE A 63 -23.66 0.13 12.22
N SER A 64 -23.50 1.45 12.29
CA SER A 64 -24.61 2.37 12.29
C SER A 64 -24.10 3.78 12.12
N GLY A 65 -24.93 4.63 11.55
CA GLY A 65 -24.53 6.01 11.33
C GLY A 65 -25.56 6.90 11.97
N SER A 66 -25.16 8.14 12.25
CA SER A 66 -26.03 9.10 12.88
C SER A 66 -25.48 10.46 12.52
N GLY A 67 -26.34 11.47 12.51
CA GLY A 67 -25.88 12.79 12.20
C GLY A 67 -26.90 13.70 11.53
N SER A 68 -26.49 14.94 11.39
CA SER A 68 -27.27 15.99 10.77
C SER A 68 -26.46 17.27 10.96
N GLY A 69 -26.64 18.23 10.07
CA GLY A 69 -25.92 19.49 10.19
C GLY A 69 -24.43 19.43 9.89
N THR A 70 -23.63 19.56 10.94
CA THR A 70 -22.16 19.56 10.84
C THR A 70 -21.51 18.26 11.30
N SER A 71 -22.08 17.62 12.32
CA SER A 71 -21.53 16.38 12.84
C SER A 71 -22.17 15.09 12.38
N TYR A 72 -21.33 14.21 11.86
CA TYR A 72 -21.78 12.91 11.43
C TYR A 72 -20.80 11.92 11.98
N SER A 73 -21.30 10.79 12.43
CA SER A 73 -20.43 9.78 13.00
C SER A 73 -20.78 8.37 12.54
N LEU A 74 -19.76 7.51 12.56
CA LEU A 74 -19.94 6.12 12.19
C LEU A 74 -19.66 5.40 13.49
N THR A 75 -20.45 4.38 13.80
CA THR A 75 -20.26 3.65 15.02
C THR A 75 -20.14 2.14 14.80
N ILE A 76 -19.28 1.51 15.60
CA ILE A 76 -19.07 0.07 15.57
C ILE A 76 -19.29 -0.33 17.02
N SER A 77 -20.26 -1.20 17.28
CA SER A 77 -20.56 -1.59 18.65
C SER A 77 -19.58 -2.57 19.27
N SER A 78 -19.15 -3.55 18.48
CA SER A 78 -18.19 -4.51 18.97
C SER A 78 -17.20 -4.72 17.85
N MET A 79 -16.06 -4.06 17.98
CA MET A 79 -14.97 -4.13 17.01
C MET A 79 -14.51 -5.57 16.72
N GLU A 80 -14.36 -5.86 15.43
CA GLU A 80 -13.89 -7.17 15.00
C GLU A 80 -12.62 -6.96 14.17
N ALA A 81 -11.84 -8.03 14.01
CA ALA A 81 -10.63 -7.94 13.25
C ALA A 81 -10.88 -7.53 11.80
N GLU A 82 -12.01 -7.95 11.22
CA GLU A 82 -12.27 -7.60 9.83
C GLU A 82 -12.73 -6.14 9.70
N ASP A 83 -12.98 -5.49 10.82
CA ASP A 83 -13.40 -4.10 10.80
C ASP A 83 -12.23 -3.14 10.75
N ALA A 84 -11.01 -3.67 10.69
CA ALA A 84 -9.83 -2.84 10.63
C ALA A 84 -9.66 -2.40 9.18
N ALA A 85 -9.82 -1.10 8.93
CA ALA A 85 -9.72 -0.54 7.60
C ALA A 85 -9.83 0.96 7.71
N SER A 86 -9.87 1.63 6.56
CA SER A 86 -10.02 3.07 6.55
C SER A 86 -11.49 3.41 6.26
N TYR A 87 -12.00 4.41 6.96
CA TYR A 87 -13.39 4.82 6.78
C TYR A 87 -13.42 6.25 6.33
N PHE A 88 -13.89 6.46 5.12
CA PHE A 88 -13.99 7.79 4.56
C PHE A 88 -15.45 8.24 4.51
N CYS A 89 -15.71 9.47 4.95
CA CYS A 89 -17.05 10.03 4.88
C CYS A 89 -17.02 10.96 3.66
N LEU A 90 -18.07 10.91 2.86
CA LEU A 90 -18.16 11.72 1.65
C LEU A 90 -19.41 12.60 1.72
N GLN A 91 -19.41 13.70 0.97
CA GLN A 91 -20.57 14.58 0.96
C GLN A 91 -20.91 15.05 -0.45
N TRP A 92 -22.12 14.79 -0.91
CA TRP A 92 -22.51 15.28 -2.22
C TRP A 92 -23.78 16.11 -2.09
N SER A 93 -23.80 16.91 -1.02
CA SER A 93 -24.88 17.83 -0.70
C SER A 93 -24.55 19.09 -1.48
N SER A 94 -23.31 19.55 -1.31
CA SER A 94 -22.82 20.73 -2.01
C SER A 94 -21.87 20.29 -3.11
N PHE A 95 -21.56 21.21 -3.99
CA PHE A 95 -20.67 20.94 -5.10
C PHE A 95 -19.42 21.81 -4.96
N PRO A 96 -18.24 21.24 -5.23
CA PRO A 96 -18.03 19.85 -5.64
C PRO A 96 -18.18 18.91 -4.45
N TYR A 97 -18.33 17.63 -4.75
CA TYR A 97 -18.46 16.63 -3.72
C TYR A 97 -17.09 16.42 -3.09
N THR A 98 -17.04 16.36 -1.77
CA THR A 98 -15.79 16.22 -1.06
C THR A 98 -15.77 15.06 -0.05
N PHE A 99 -14.57 14.49 0.14
CA PHE A 99 -14.32 13.37 1.07
C PHE A 99 -13.55 13.88 2.28
N GLY A 100 -13.55 13.07 3.33
CA GLY A 100 -12.82 13.41 4.54
C GLY A 100 -11.43 12.82 4.40
N GLY A 101 -10.55 13.14 5.35
CA GLY A 101 -9.20 12.62 5.31
C GLY A 101 -9.08 11.12 5.53
N GLY A 102 -10.11 10.52 6.10
CA GLY A 102 -10.11 9.10 6.37
C GLY A 102 -9.81 8.88 7.83
N THR A 103 -9.98 7.64 8.27
CA THR A 103 -9.72 7.22 9.64
C THR A 103 -9.25 5.79 9.53
N LYS A 104 -8.00 5.55 9.90
CA LYS A 104 -7.46 4.21 9.82
C LYS A 104 -7.70 3.54 11.14
N LEU A 105 -8.30 2.37 11.11
CA LEU A 105 -8.56 1.61 12.32
C LEU A 105 -7.64 0.41 12.39
N GLU A 106 -6.91 0.30 13.50
CA GLU A 106 -5.99 -0.81 13.78
C GLU A 106 -6.60 -1.71 14.84
N LEU A 107 -6.39 -3.01 14.70
CA LEU A 107 -6.92 -3.98 15.63
C LEU A 107 -5.86 -4.45 16.63
N LYS A 108 -6.12 -4.27 17.92
CA LYS A 108 -5.19 -4.69 18.98
C LYS A 108 -5.16 -6.19 19.21
N ARG A 109 -3.97 -6.71 19.51
CA ARG A 109 -3.79 -8.13 19.78
C ARG A 109 -2.69 -8.32 20.81
N ALA A 110 -2.56 -9.55 21.32
CA ALA A 110 -1.54 -9.88 22.31
C ALA A 110 -0.18 -9.40 21.83
N ASP A 111 0.53 -8.66 22.66
CA ASP A 111 1.87 -8.16 22.29
C ASP A 111 2.77 -9.31 21.84
N VAL A 112 3.74 -9.01 20.99
CA VAL A 112 4.66 -10.04 20.50
C VAL A 112 5.99 -9.49 19.97
N ALA A 113 7.08 -10.13 20.38
CA ALA A 113 8.42 -9.74 19.95
C ALA A 113 8.66 -10.18 18.50
N PRO A 114 9.42 -9.39 17.72
CA PRO A 114 9.68 -9.74 16.32
C PRO A 114 10.75 -10.80 16.16
N THR A 115 10.63 -11.66 15.15
CA THR A 115 11.66 -12.65 14.87
C THR A 115 12.60 -11.94 13.89
N VAL A 116 13.79 -11.60 14.35
CA VAL A 116 14.76 -10.87 13.51
C VAL A 116 15.67 -11.73 12.62
N SER A 117 16.00 -11.20 11.45
CA SER A 117 16.88 -11.87 10.48
C SER A 117 17.83 -10.84 9.89
N ILE A 118 19.10 -11.18 9.80
CA ILE A 118 20.03 -10.25 9.18
C ILE A 118 20.70 -10.96 8.02
N PHE A 119 20.79 -10.27 6.87
CA PHE A 119 21.40 -10.87 5.69
C PHE A 119 22.51 -10.02 5.13
N PRO A 120 23.68 -10.63 4.86
CA PRO A 120 24.81 -9.90 4.31
C PRO A 120 24.52 -9.66 2.82
N PRO A 121 25.33 -8.83 2.14
CA PRO A 121 25.12 -8.57 0.71
C PRO A 121 25.31 -9.84 -0.12
N SER A 122 24.66 -9.90 -1.28
CA SER A 122 24.87 -11.05 -2.15
C SER A 122 26.06 -10.68 -3.03
N SER A 123 26.73 -11.68 -3.57
CA SER A 123 27.87 -11.43 -4.45
C SER A 123 27.44 -10.56 -5.63
N GLU A 124 26.26 -10.85 -6.18
CA GLU A 124 25.71 -10.11 -7.31
C GLU A 124 25.80 -8.60 -7.12
N GLN A 125 25.49 -8.14 -5.91
CA GLN A 125 25.50 -6.73 -5.58
C GLN A 125 26.87 -6.12 -5.38
N LEU A 126 27.73 -6.84 -4.68
CA LEU A 126 29.09 -6.40 -4.42
C LEU A 126 29.83 -6.19 -5.73
N THR A 127 29.56 -7.09 -6.67
CA THR A 127 30.17 -7.02 -7.99
C THR A 127 29.88 -5.66 -8.61
N SER A 128 28.75 -5.08 -8.22
CA SER A 128 28.31 -3.77 -8.70
C SER A 128 28.77 -2.63 -7.78
N GLY A 129 29.63 -2.95 -6.83
CA GLY A 129 30.12 -1.93 -5.91
C GLY A 129 29.13 -1.46 -4.84
N GLY A 130 28.00 -2.14 -4.72
CA GLY A 130 27.01 -1.76 -3.71
C GLY A 130 27.02 -2.77 -2.57
N ALA A 131 26.46 -2.40 -1.44
CA ALA A 131 26.42 -3.31 -0.32
C ALA A 131 25.25 -3.01 0.59
N SER A 132 24.21 -3.83 0.48
CA SER A 132 23.03 -3.68 1.30
C SER A 132 23.04 -4.74 2.37
N VAL A 133 22.59 -4.38 3.55
CA VAL A 133 22.52 -5.32 4.65
C VAL A 133 21.06 -5.27 5.06
N VAL A 134 20.36 -6.36 4.86
CA VAL A 134 18.94 -6.38 5.16
C VAL A 134 18.63 -7.08 6.48
N CYS A 135 17.69 -6.48 7.21
CA CYS A 135 17.24 -7.01 8.48
C CYS A 135 15.71 -7.06 8.43
N PHE A 136 15.14 -8.23 8.71
CA PHE A 136 13.69 -8.39 8.70
C PHE A 136 13.19 -8.59 10.13
N LEU A 137 12.29 -7.72 10.56
CA LEU A 137 11.71 -7.83 11.90
C LEU A 137 10.26 -8.22 11.67
N ASN A 138 10.01 -9.53 11.73
CA ASN A 138 8.69 -10.07 11.44
C ASN A 138 7.77 -10.46 12.58
N ASN A 139 6.47 -10.47 12.24
CA ASN A 139 5.37 -10.84 13.12
C ASN A 139 5.38 -10.24 14.53
N PHE A 140 5.43 -8.91 14.61
CA PHE A 140 5.43 -8.24 15.90
C PHE A 140 4.26 -7.26 16.12
N TYR A 141 4.08 -6.88 17.38
CA TYR A 141 3.06 -5.94 17.81
C TYR A 141 3.44 -5.43 19.21
N PRO A 142 3.32 -4.10 19.47
CA PRO A 142 2.86 -2.97 18.66
C PRO A 142 3.77 -2.69 17.47
N LYS A 143 3.40 -1.71 16.66
CA LYS A 143 4.20 -1.37 15.49
C LYS A 143 5.28 -0.35 15.80
N ASP A 144 5.15 0.36 16.91
CA ASP A 144 6.17 1.33 17.28
C ASP A 144 7.35 0.58 17.88
N ILE A 145 8.22 0.15 16.98
CA ILE A 145 9.43 -0.57 17.33
C ILE A 145 10.54 0.32 16.77
N ASN A 146 11.67 0.36 17.45
CA ASN A 146 12.78 1.19 17.00
C ASN A 146 13.99 0.36 16.54
N VAL A 147 14.44 0.60 15.31
CA VAL A 147 15.58 -0.14 14.76
C VAL A 147 16.88 0.65 14.56
N LYS A 148 17.92 0.24 15.28
CA LYS A 148 19.23 0.87 15.18
C LYS A 148 20.21 -0.06 14.47
N TRP A 149 21.08 0.52 13.66
CA TRP A 149 22.08 -0.26 12.94
C TRP A 149 23.47 0.02 13.51
N LYS A 150 24.12 -1.02 14.01
CA LYS A 150 25.46 -0.87 14.54
C LYS A 150 26.50 -1.43 13.58
N ILE A 151 27.67 -0.84 13.61
CA ILE A 151 28.77 -1.28 12.77
C ILE A 151 30.06 -1.18 13.59
N ASP A 152 30.53 -2.32 14.07
CA ASP A 152 31.72 -2.38 14.89
C ASP A 152 31.48 -1.54 16.13
N GLY A 153 30.27 -1.67 16.68
CA GLY A 153 29.92 -0.92 17.88
C GLY A 153 29.33 0.45 17.62
N SER A 154 29.70 1.10 16.51
CA SER A 154 29.18 2.42 16.15
C SER A 154 27.75 2.37 15.63
N GLU A 155 27.05 3.50 15.67
CA GLU A 155 25.69 3.56 15.18
C GLU A 155 25.67 4.34 13.86
N ARG A 156 25.00 3.79 12.85
CA ARG A 156 24.90 4.43 11.55
C ARG A 156 23.42 4.74 11.24
N GLN A 157 23.11 6.01 11.07
CA GLN A 157 21.75 6.46 10.80
C GLN A 157 21.50 6.87 9.35
N ASN A 158 22.52 7.38 8.68
CA ASN A 158 22.34 7.77 7.29
C ASN A 158 22.38 6.55 6.35
N GLY A 159 21.55 6.60 5.30
CA GLY A 159 21.48 5.53 4.33
C GLY A 159 20.63 4.35 4.77
N VAL A 160 19.66 4.61 5.64
CA VAL A 160 18.78 3.56 6.13
C VAL A 160 17.37 3.77 5.57
N LEU A 161 16.88 2.75 4.87
CA LEU A 161 15.57 2.79 4.25
C LEU A 161 14.68 1.71 4.88
N ASN A 162 13.70 2.14 5.68
CA ASN A 162 12.76 1.23 6.36
C ASN A 162 11.42 1.10 5.66
N SER A 163 10.71 0.01 5.96
CA SER A 163 9.41 -0.28 5.38
C SER A 163 8.58 -1.26 6.23
N TRP A 164 7.32 -0.89 6.49
CA TRP A 164 6.41 -1.75 7.25
C TRP A 164 5.29 -2.23 6.36
N THR A 165 4.77 -3.40 6.66
CA THR A 165 3.65 -3.90 5.90
C THR A 165 2.46 -3.42 6.72
N ASP A 166 1.25 -3.51 6.18
CA ASP A 166 0.09 -3.11 6.96
C ASP A 166 -0.22 -4.27 7.90
N GLN A 167 -1.05 -4.02 8.91
CA GLN A 167 -1.41 -5.07 9.85
C GLN A 167 -1.92 -6.29 9.09
N ASP A 168 -1.51 -7.47 9.53
CA ASP A 168 -1.87 -8.74 8.89
C ASP A 168 -3.33 -9.11 9.09
N SER A 169 -3.94 -9.65 8.04
CA SER A 169 -5.34 -10.10 8.07
C SER A 169 -5.50 -11.33 8.97
N LYS A 170 -4.50 -12.20 8.95
CA LYS A 170 -4.54 -13.42 9.73
C LYS A 170 -4.21 -13.19 11.20
N ASP A 171 -2.97 -12.81 11.48
CA ASP A 171 -2.52 -12.60 12.87
C ASP A 171 -2.46 -11.20 13.48
N SER A 172 -2.88 -10.17 12.74
CA SER A 172 -2.87 -8.79 13.26
C SER A 172 -1.48 -8.27 13.62
N THR A 173 -0.43 -8.95 13.17
CA THR A 173 0.90 -8.46 13.48
C THR A 173 1.48 -7.62 12.36
N TYR A 174 2.65 -7.08 12.63
CA TYR A 174 3.36 -6.27 11.67
C TYR A 174 4.67 -6.94 11.29
N SER A 175 5.33 -6.37 10.30
CA SER A 175 6.60 -6.86 9.82
C SER A 175 7.34 -5.64 9.31
N MET A 176 8.60 -5.51 9.69
CA MET A 176 9.38 -4.38 9.22
C MET A 176 10.51 -4.84 8.33
N SER A 177 11.25 -3.88 7.81
CA SER A 177 12.35 -4.20 6.94
C SER A 177 13.30 -3.03 6.86
N SER A 178 14.50 -3.18 7.42
CA SER A 178 15.50 -2.11 7.39
C SER A 178 16.62 -2.44 6.44
N THR A 179 16.89 -1.55 5.51
CA THR A 179 17.97 -1.76 4.57
C THR A 179 19.01 -0.67 4.69
N LEU A 180 20.17 -1.05 5.22
CA LEU A 180 21.28 -0.14 5.36
C LEU A 180 22.09 -0.37 4.10
N THR A 181 22.13 0.62 3.22
CA THR A 181 22.88 0.50 1.99
C THR A 181 24.20 1.26 2.09
N LEU A 182 25.28 0.58 1.73
CA LEU A 182 26.62 1.13 1.79
C LEU A 182 27.34 0.81 0.49
N THR A 183 28.50 1.39 0.32
CA THR A 183 29.31 1.13 -0.85
C THR A 183 30.00 -0.19 -0.56
N LYS A 184 30.56 -0.84 -1.59
CA LYS A 184 31.29 -2.07 -1.37
C LYS A 184 32.50 -1.72 -0.48
N ASP A 185 32.89 -0.44 -0.51
CA ASP A 185 34.02 0.09 0.25
C ASP A 185 33.89 0.28 1.75
N GLU A 186 32.92 1.03 2.28
CA GLU A 186 32.88 1.12 3.74
C GLU A 186 32.51 -0.27 4.25
N TYR A 187 31.87 -1.06 3.39
CA TYR A 187 31.48 -2.41 3.76
C TYR A 187 32.71 -3.28 3.95
N GLU A 188 33.57 -3.29 2.95
CA GLU A 188 34.81 -4.06 3.00
C GLU A 188 35.76 -3.48 4.05
N ARG A 189 35.38 -2.36 4.67
CA ARG A 189 36.22 -1.68 5.65
C ARG A 189 35.82 -1.87 7.11
N HIS A 190 34.78 -2.67 7.34
CA HIS A 190 34.33 -2.91 8.71
C HIS A 190 34.04 -4.39 8.90
N ASN A 191 33.87 -4.83 10.15
CA ASN A 191 33.66 -6.25 10.40
C ASN A 191 32.31 -6.73 10.85
N SER A 192 31.90 -6.32 12.03
CA SER A 192 30.60 -6.72 12.54
C SER A 192 29.54 -5.73 12.14
N TYR A 193 28.38 -6.24 11.75
CA TYR A 193 27.23 -5.42 11.34
C TYR A 193 26.06 -5.84 12.20
N THR A 194 25.62 -4.94 13.08
CA THR A 194 24.56 -5.24 14.02
C THR A 194 23.22 -4.60 13.71
N CYS A 195 22.18 -5.41 13.82
CA CYS A 195 20.82 -4.95 13.64
C CYS A 195 20.17 -5.10 15.02
N GLU A 196 20.10 -3.98 15.73
CA GLU A 196 19.55 -3.91 17.07
C GLU A 196 18.10 -3.43 17.03
N ALA A 197 17.19 -4.28 17.48
CA ALA A 197 15.76 -3.96 17.49
C ALA A 197 15.28 -3.62 18.90
N THR A 198 14.73 -2.41 19.07
CA THR A 198 14.22 -1.99 20.37
C THR A 198 12.69 -1.88 20.33
N HIS A 199 12.05 -2.94 20.81
CA HIS A 199 10.60 -3.05 20.83
C HIS A 199 10.02 -2.87 22.23
N LYS A 200 8.70 -2.76 22.31
CA LYS A 200 7.99 -2.59 23.57
C LYS A 200 8.12 -3.87 24.41
N THR A 201 8.40 -5.00 23.75
CA THR A 201 8.52 -6.29 24.43
C THR A 201 9.74 -6.43 25.35
N SER A 202 10.73 -7.23 24.93
CA SER A 202 11.94 -7.49 25.71
C SER A 202 12.75 -6.27 26.20
N THR A 203 13.24 -6.36 27.42
CA THR A 203 14.07 -5.30 28.01
C THR A 203 15.37 -5.24 27.22
N SER A 204 15.94 -6.42 27.00
CA SER A 204 17.18 -6.56 26.25
C SER A 204 16.83 -6.52 24.76
N PRO A 205 17.31 -5.51 24.02
CA PRO A 205 17.03 -5.40 22.59
C PRO A 205 17.26 -6.72 21.84
N ILE A 206 16.48 -6.93 20.78
CA ILE A 206 16.63 -8.12 19.96
C ILE A 206 17.77 -7.82 19.01
N VAL A 207 18.91 -8.43 19.26
CA VAL A 207 20.10 -8.21 18.45
C VAL A 207 20.49 -9.41 17.58
N LYS A 208 20.80 -9.13 16.32
CA LYS A 208 21.21 -10.14 15.38
C LYS A 208 22.27 -9.53 14.49
N SER A 209 23.48 -10.04 14.59
CA SER A 209 24.57 -9.51 13.81
C SER A 209 25.41 -10.59 13.16
N PHE A 210 26.15 -10.19 12.14
CA PHE A 210 27.03 -11.08 11.42
C PHE A 210 28.31 -10.30 11.21
N ASN A 211 29.38 -11.00 10.86
CA ASN A 211 30.67 -10.37 10.59
C ASN A 211 31.02 -10.68 9.15
N ARG A 212 31.65 -9.75 8.45
CA ARG A 212 32.05 -10.06 7.10
C ARG A 212 33.36 -10.82 7.23
N ASN A 213 33.23 -12.14 7.19
CA ASN A 213 34.40 -13.01 7.30
C ASN A 213 34.75 -13.55 5.94
N GLU A 214 34.23 -12.90 4.90
CA GLU A 214 34.47 -13.27 3.50
C GLU A 214 33.90 -14.61 3.09
N CYS A 215 33.71 -15.50 4.06
CA CYS A 215 33.19 -16.84 3.82
C CYS A 215 34.11 -17.63 2.87
N ASP B 1 -23.50 -8.83 -12.78
CA ASP B 1 -22.79 -8.03 -13.83
C ASP B 1 -22.23 -6.67 -13.34
N VAL B 2 -22.42 -5.61 -14.13
CA VAL B 2 -21.92 -4.24 -13.84
C VAL B 2 -20.47 -4.19 -13.38
N GLN B 3 -19.58 -4.06 -14.34
CA GLN B 3 -18.16 -4.01 -14.07
C GLN B 3 -17.45 -2.82 -14.70
N LEU B 4 -16.52 -2.25 -13.95
CA LEU B 4 -15.74 -1.12 -14.43
C LEU B 4 -14.25 -1.44 -14.39
N GLN B 5 -13.54 -1.10 -15.45
CA GLN B 5 -12.11 -1.35 -15.49
C GLN B 5 -11.33 -0.16 -16.09
N GLU B 6 -10.44 0.42 -15.29
CA GLU B 6 -9.63 1.55 -15.75
C GLU B 6 -8.47 1.02 -16.59
N SER B 7 -7.94 1.87 -17.45
CA SER B 7 -6.83 1.50 -18.30
C SER B 7 -6.20 2.75 -18.89
N GLY B 8 -4.90 2.65 -19.21
CA GLY B 8 -4.18 3.76 -19.78
C GLY B 8 -2.72 3.72 -19.34
N PRO B 9 -1.87 4.60 -19.88
CA PRO B 9 -0.45 4.60 -19.50
C PRO B 9 -0.31 4.89 -18.00
N GLY B 10 0.57 4.16 -17.32
CA GLY B 10 0.75 4.38 -15.90
C GLY B 10 1.96 5.24 -15.53
N LEU B 11 2.44 6.00 -16.50
CA LEU B 11 3.60 6.85 -16.30
C LEU B 11 3.58 7.95 -17.34
N VAL B 12 3.27 9.16 -16.90
CA VAL B 12 3.21 10.30 -17.80
C VAL B 12 4.23 11.32 -17.33
N LYS B 13 4.88 11.99 -18.28
CA LYS B 13 5.88 13.00 -17.98
C LYS B 13 5.17 14.32 -17.71
N PRO B 14 5.71 15.14 -16.79
CA PRO B 14 5.15 16.45 -16.42
C PRO B 14 4.89 17.32 -17.65
N SER B 15 3.97 18.26 -17.51
CA SER B 15 3.55 19.19 -18.57
C SER B 15 2.68 18.51 -19.62
N GLN B 16 2.41 17.22 -19.45
CA GLN B 16 1.58 16.44 -20.39
C GLN B 16 0.18 16.15 -19.87
N SER B 17 -0.62 15.50 -20.71
CA SER B 17 -1.98 15.14 -20.34
C SER B 17 -2.03 13.65 -20.03
N LEU B 18 -2.76 13.26 -18.99
CA LEU B 18 -2.86 11.83 -18.71
C LEU B 18 -4.27 11.43 -19.13
N SER B 19 -4.39 10.37 -19.92
CA SER B 19 -5.70 9.89 -20.35
C SER B 19 -6.00 8.49 -19.83
N LEU B 20 -7.21 8.31 -19.33
CA LEU B 20 -7.65 7.03 -18.81
C LEU B 20 -9.01 6.71 -19.40
N THR B 21 -9.27 5.42 -19.57
CA THR B 21 -10.53 4.96 -20.11
C THR B 21 -11.14 4.04 -19.07
N CYS B 22 -12.45 4.11 -18.93
CA CYS B 22 -13.15 3.25 -18.01
C CYS B 22 -14.14 2.49 -18.88
N THR B 23 -13.88 1.20 -19.06
CA THR B 23 -14.73 0.33 -19.87
C THR B 23 -15.75 -0.34 -18.98
N VAL B 24 -17.00 -0.03 -19.29
CA VAL B 24 -18.14 -0.53 -18.55
C VAL B 24 -18.82 -1.65 -19.33
N THR B 25 -19.14 -2.72 -18.59
CA THR B 25 -19.85 -3.86 -19.16
C THR B 25 -20.98 -4.28 -18.21
N GLY B 26 -22.09 -4.75 -18.80
CA GLY B 26 -23.23 -5.19 -18.03
C GLY B 26 -24.24 -4.11 -17.71
N TYR B 27 -24.10 -2.93 -18.31
CA TYR B 27 -25.02 -1.80 -18.09
C TYR B 27 -24.69 -0.66 -19.06
N SER B 28 -25.70 -0.15 -19.78
CA SER B 28 -25.44 0.94 -20.72
C SER B 28 -25.09 2.22 -19.96
N ILE B 29 -24.04 2.92 -20.40
CA ILE B 29 -23.67 4.16 -19.73
C ILE B 29 -24.67 5.28 -20.04
N THR B 30 -25.78 4.90 -20.66
CA THR B 30 -26.84 5.84 -21.00
C THR B 30 -28.15 5.46 -20.31
N SER B 31 -28.22 4.23 -19.82
CA SER B 31 -29.40 3.76 -19.11
C SER B 31 -29.67 4.68 -17.91
N GLY B 32 -28.60 5.02 -17.19
CA GLY B 32 -28.71 5.89 -16.03
C GLY B 32 -27.34 6.13 -15.40
N TYR B 33 -27.34 6.57 -14.14
CA TYR B 33 -26.10 6.81 -13.39
C TYR B 33 -25.20 7.95 -13.83
N ALA B 34 -24.39 8.41 -12.87
CA ALA B 34 -23.38 9.43 -13.12
C ALA B 34 -22.12 8.58 -13.14
N TRP B 35 -21.22 8.87 -14.07
CA TRP B 35 -20.00 8.09 -14.20
C TRP B 35 -18.83 8.93 -13.72
N ASN B 36 -18.43 8.69 -12.49
CA ASN B 36 -17.37 9.46 -11.87
C ASN B 36 -15.95 8.94 -12.06
N TRP B 37 -15.02 9.88 -12.00
CA TRP B 37 -13.60 9.62 -12.09
C TRP B 37 -13.20 10.17 -10.73
N ILE B 38 -12.68 9.30 -9.89
CA ILE B 38 -12.27 9.62 -8.52
C ILE B 38 -10.83 9.16 -8.35
N ARG B 39 -9.97 10.00 -7.78
CA ARG B 39 -8.57 9.61 -7.57
C ARG B 39 -8.14 9.58 -6.10
N GLN B 40 -7.22 8.69 -5.79
CA GLN B 40 -6.69 8.56 -4.43
C GLN B 40 -5.20 8.87 -4.47
N PHE B 41 -4.77 9.90 -3.76
CA PHE B 41 -3.35 10.25 -3.76
C PHE B 41 -2.59 9.39 -2.77
N PRO B 42 -1.25 9.41 -2.83
CA PRO B 42 -0.53 8.59 -1.84
C PRO B 42 -0.81 9.36 -0.53
N GLY B 43 -1.01 8.66 0.56
CA GLY B 43 -1.34 9.36 1.80
C GLY B 43 -2.80 8.99 2.01
N ASN B 44 -3.41 8.56 0.90
CA ASN B 44 -4.79 8.12 0.81
C ASN B 44 -5.89 9.15 0.63
N LYS B 45 -5.53 10.42 0.51
CA LYS B 45 -6.58 11.44 0.30
C LYS B 45 -7.29 11.19 -1.04
N LEU B 46 -8.62 11.08 -0.97
CA LEU B 46 -9.49 10.85 -2.14
C LEU B 46 -10.05 12.17 -2.67
N GLU B 47 -10.10 12.33 -3.99
CA GLU B 47 -10.63 13.55 -4.57
C GLU B 47 -11.63 13.25 -5.68
N TRP B 48 -12.84 13.79 -5.58
CA TRP B 48 -13.84 13.59 -6.63
C TRP B 48 -13.42 14.54 -7.75
N MET B 49 -13.17 14.00 -8.93
CA MET B 49 -12.71 14.81 -10.07
C MET B 49 -13.82 15.32 -10.98
N GLY B 50 -14.76 14.46 -11.30
CA GLY B 50 -15.84 14.85 -12.17
C GLY B 50 -16.67 13.66 -12.57
N TYR B 51 -17.71 13.92 -13.37
CA TYR B 51 -18.56 12.87 -13.87
C TYR B 51 -19.15 13.23 -15.21
N ILE B 52 -19.59 12.20 -15.91
CA ILE B 52 -20.25 12.35 -17.20
C ILE B 52 -21.57 11.65 -16.89
N ARG B 53 -22.66 12.40 -16.93
CA ARG B 53 -23.95 11.81 -16.61
C ARG B 53 -24.44 10.97 -17.79
N TYR B 54 -25.36 10.05 -17.52
CA TYR B 54 -25.91 9.19 -18.55
C TYR B 54 -26.40 9.97 -19.77
N SER B 55 -26.96 11.15 -19.51
CA SER B 55 -27.48 12.01 -20.58
C SER B 55 -26.39 12.65 -21.43
N GLY B 56 -25.17 12.74 -20.88
CA GLY B 56 -24.07 13.32 -21.62
C GLY B 56 -23.46 14.60 -21.07
N ASP B 57 -24.10 15.25 -20.11
CA ASP B 57 -23.54 16.48 -19.58
C ASP B 57 -22.61 16.23 -18.42
N THR B 58 -21.46 16.89 -18.49
CA THR B 58 -20.42 16.75 -17.52
C THR B 58 -20.42 17.78 -16.41
N ARG B 59 -19.85 17.40 -15.27
CA ARG B 59 -19.68 18.27 -14.10
C ARG B 59 -18.24 18.02 -13.65
N TYR B 60 -17.50 19.08 -13.38
CA TYR B 60 -16.10 18.94 -13.00
C TYR B 60 -15.72 19.57 -11.69
N ASN B 61 -14.75 18.97 -11.00
CA ASN B 61 -14.31 19.55 -9.75
C ASN B 61 -13.64 20.85 -10.15
N PRO B 62 -14.15 21.99 -9.67
CA PRO B 62 -13.57 23.29 -9.99
C PRO B 62 -12.08 23.37 -9.73
N SER B 63 -11.59 22.63 -8.75
CA SER B 63 -10.16 22.63 -8.47
C SER B 63 -9.40 22.26 -9.75
N LEU B 64 -9.96 21.30 -10.48
CA LEU B 64 -9.40 20.82 -11.73
C LEU B 64 -9.85 21.74 -12.84
N LYS B 65 -9.51 23.02 -12.66
CA LYS B 65 -9.82 24.14 -13.55
C LYS B 65 -10.14 23.82 -15.02
N SER B 66 -9.17 24.13 -15.88
CA SER B 66 -9.28 23.89 -17.31
C SER B 66 -8.36 22.74 -17.72
N ARG B 67 -8.04 21.90 -16.75
CA ARG B 67 -7.16 20.77 -17.00
C ARG B 67 -7.96 19.50 -17.26
N ILE B 68 -9.16 19.41 -16.71
CA ILE B 68 -9.97 18.21 -16.87
C ILE B 68 -10.95 18.22 -18.06
N SER B 69 -11.22 17.04 -18.58
CA SER B 69 -12.15 16.84 -19.69
C SER B 69 -12.63 15.38 -19.68
N ILE B 70 -13.94 15.21 -19.64
CA ILE B 70 -14.51 13.86 -19.62
C ILE B 70 -15.43 13.70 -20.79
N THR B 71 -15.20 12.63 -21.54
CA THR B 71 -15.98 12.32 -22.72
C THR B 71 -16.29 10.83 -22.70
N ARG B 72 -17.14 10.36 -23.61
CA ARG B 72 -17.53 8.95 -23.64
C ARG B 72 -17.74 8.40 -25.03
N ASP B 73 -18.01 7.09 -25.10
CA ASP B 73 -18.28 6.44 -26.36
C ASP B 73 -19.44 5.46 -26.18
N THR B 74 -20.61 5.91 -26.58
CA THR B 74 -21.85 5.17 -26.48
C THR B 74 -21.78 3.74 -27.01
N SER B 75 -21.29 3.60 -28.24
CA SER B 75 -21.20 2.28 -28.87
C SER B 75 -20.32 1.30 -28.12
N LYS B 76 -19.14 1.78 -27.74
CA LYS B 76 -18.15 0.96 -27.04
C LYS B 76 -18.37 0.85 -25.53
N ASN B 77 -19.29 1.66 -25.01
CA ASN B 77 -19.65 1.68 -23.59
C ASN B 77 -18.45 1.96 -22.68
N GLN B 78 -17.88 3.15 -22.79
CA GLN B 78 -16.75 3.58 -21.97
C GLN B 78 -16.60 5.11 -21.98
N PHE B 79 -16.12 5.68 -20.88
CA PHE B 79 -15.91 7.12 -20.80
C PHE B 79 -14.44 7.41 -20.60
N PHE B 80 -14.02 8.63 -20.90
CA PHE B 80 -12.61 8.98 -20.81
C PHE B 80 -12.29 10.12 -19.88
N LEU B 81 -11.03 10.16 -19.47
CA LEU B 81 -10.52 11.20 -18.59
C LEU B 81 -9.26 11.77 -19.23
N GLN B 82 -9.29 13.07 -19.49
CA GLN B 82 -8.15 13.75 -20.07
C GLN B 82 -7.85 14.85 -19.09
N LEU B 83 -6.69 14.75 -18.45
CA LEU B 83 -6.25 15.76 -17.49
C LEU B 83 -4.96 16.37 -18.06
N ASN B 84 -5.00 17.66 -18.38
CA ASN B 84 -3.88 18.37 -18.98
C ASN B 84 -2.90 18.97 -17.98
N SER B 85 -1.82 19.51 -18.55
CA SER B 85 -0.78 20.19 -17.79
C SER B 85 -0.57 19.55 -16.43
N VAL B 86 -0.23 18.26 -16.44
CA VAL B 86 -0.02 17.54 -15.19
C VAL B 86 1.31 17.81 -14.51
N THR B 87 1.36 17.48 -13.22
CA THR B 87 2.56 17.63 -12.42
C THR B 87 2.66 16.41 -11.53
N THR B 88 3.76 16.31 -10.80
CA THR B 88 4.00 15.21 -9.90
C THR B 88 2.86 15.01 -8.89
N GLU B 89 2.05 16.05 -8.69
CA GLU B 89 0.94 15.98 -7.75
C GLU B 89 -0.21 15.11 -8.24
N ASP B 90 -0.29 14.94 -9.55
CA ASP B 90 -1.34 14.11 -10.13
C ASP B 90 -1.00 12.63 -10.06
N THR B 91 0.13 12.31 -9.46
CA THR B 91 0.49 10.92 -9.29
C THR B 91 -0.58 10.42 -8.33
N ALA B 92 -1.28 9.36 -8.72
CA ALA B 92 -2.34 8.80 -7.90
C ALA B 92 -2.98 7.59 -8.55
N THR B 93 -3.78 6.87 -7.77
CA THR B 93 -4.51 5.72 -8.27
C THR B 93 -5.84 6.32 -8.73
N TYR B 94 -6.18 6.13 -9.99
CA TYR B 94 -7.41 6.67 -10.55
C TYR B 94 -8.53 5.64 -10.64
N TYR B 95 -9.71 6.03 -10.19
CA TYR B 95 -10.87 5.15 -10.21
C TYR B 95 -12.01 5.76 -10.97
N CYS B 96 -12.85 4.90 -11.53
CA CYS B 96 -14.05 5.33 -12.23
C CYS B 96 -15.14 4.57 -11.48
N ALA B 97 -16.17 5.28 -11.07
CA ALA B 97 -17.23 4.64 -10.30
C ALA B 97 -18.60 5.26 -10.46
N ILE B 98 -19.59 4.51 -10.03
CA ILE B 98 -20.99 4.93 -10.05
C ILE B 98 -21.63 4.42 -8.76
N GLY B 99 -22.87 4.81 -8.55
CA GLY B 99 -23.53 4.33 -7.36
C GLY B 99 -24.61 5.24 -6.86
N TYR B 100 -25.54 4.61 -6.19
CA TYR B 100 -26.63 5.30 -5.58
C TYR B 100 -27.17 4.38 -4.50
N GLY B 101 -27.35 4.95 -3.31
CA GLY B 101 -27.88 4.18 -2.20
C GLY B 101 -26.97 3.12 -1.62
N ASN B 102 -27.53 1.92 -1.48
CA ASN B 102 -26.79 0.79 -0.92
C ASN B 102 -25.85 0.15 -1.93
N SER B 103 -26.09 0.47 -3.19
CA SER B 103 -25.31 -0.08 -4.29
C SER B 103 -24.26 0.87 -4.85
N ASP B 104 -23.08 0.30 -5.12
CA ASP B 104 -21.99 1.05 -5.73
C ASP B 104 -21.04 0.11 -6.43
N TYR B 105 -20.45 0.61 -7.50
CA TYR B 105 -19.52 -0.17 -8.30
C TYR B 105 -18.32 0.69 -8.66
N TRP B 106 -17.14 0.23 -8.24
CA TRP B 106 -15.87 0.89 -8.49
C TRP B 106 -14.99 0.00 -9.35
N GLY B 107 -14.10 0.60 -10.12
CA GLY B 107 -13.18 -0.19 -10.92
C GLY B 107 -12.06 -0.64 -10.00
N GLN B 108 -11.15 -1.47 -10.50
CA GLN B 108 -10.05 -1.94 -9.64
C GLN B 108 -9.05 -0.84 -9.31
N GLY B 109 -9.07 0.24 -10.10
CA GLY B 109 -8.16 1.35 -9.89
C GLY B 109 -6.90 1.20 -10.70
N THR B 110 -6.38 2.31 -11.22
CA THR B 110 -5.17 2.24 -12.00
C THR B 110 -4.18 3.29 -11.51
N LEU B 111 -2.96 2.84 -11.17
CA LEU B 111 -1.92 3.74 -10.67
C LEU B 111 -1.31 4.52 -11.82
N VAL B 112 -1.10 5.81 -11.60
CA VAL B 112 -0.48 6.68 -12.59
C VAL B 112 0.58 7.54 -11.93
N THR B 113 1.82 7.34 -12.32
CA THR B 113 2.91 8.12 -11.76
C THR B 113 3.25 9.18 -12.80
N VAL B 114 3.32 10.43 -12.35
CA VAL B 114 3.68 11.53 -13.24
C VAL B 114 5.11 11.83 -12.84
N SER B 115 6.03 11.68 -13.78
CA SER B 115 7.44 11.88 -13.49
C SER B 115 8.24 12.05 -14.77
N ALA B 116 9.36 12.75 -14.66
CA ALA B 116 10.24 12.94 -15.81
C ALA B 116 11.36 11.90 -15.69
N ALA B 117 11.17 10.94 -14.80
CA ALA B 117 12.12 9.89 -14.54
C ALA B 117 12.08 8.77 -15.57
N LYS B 118 13.27 8.37 -16.03
CA LYS B 118 13.40 7.30 -17.00
C LYS B 118 13.06 5.97 -16.29
N THR B 119 12.37 5.08 -16.99
CA THR B 119 12.00 3.78 -16.46
C THR B 119 13.24 2.93 -16.27
N THR B 120 13.49 2.48 -15.04
CA THR B 120 14.65 1.67 -14.74
C THR B 120 14.24 0.29 -14.20
N PRO B 121 14.80 -0.78 -14.77
CA PRO B 121 14.52 -2.18 -14.39
C PRO B 121 15.11 -2.44 -12.99
N PRO B 122 14.62 -3.48 -12.30
CA PRO B 122 15.18 -3.74 -10.97
C PRO B 122 16.40 -4.63 -11.02
N SER B 123 17.13 -4.67 -9.92
CA SER B 123 18.30 -5.53 -9.77
C SER B 123 17.82 -6.40 -8.62
N VAL B 124 17.69 -7.71 -8.86
CA VAL B 124 17.20 -8.60 -7.82
C VAL B 124 18.36 -9.26 -7.14
N TYR B 125 18.40 -9.19 -5.80
CA TYR B 125 19.47 -9.80 -5.01
C TYR B 125 18.96 -10.83 -4.05
N PRO B 126 19.42 -12.07 -4.20
CA PRO B 126 18.99 -13.15 -3.30
C PRO B 126 19.56 -12.86 -1.92
N LEU B 127 18.82 -13.16 -0.87
CA LEU B 127 19.28 -12.89 0.48
C LEU B 127 19.33 -14.16 1.30
N ALA B 128 20.52 -14.74 1.44
CA ALA B 128 20.71 -15.95 2.25
C ALA B 128 21.45 -15.58 3.52
N PRO B 129 21.28 -16.40 4.58
CA PRO B 129 21.94 -16.17 5.88
C PRO B 129 23.47 -16.37 5.83
N GLY B 130 24.15 -15.90 6.87
CA GLY B 130 25.61 -16.02 6.92
C GLY B 130 26.13 -17.45 7.01
N CYS B 131 27.43 -17.62 6.75
CA CYS B 131 28.09 -18.94 6.82
C CYS B 131 27.80 -19.50 8.20
N GLY B 132 27.07 -20.59 8.27
CA GLY B 132 26.76 -21.16 9.57
C GLY B 132 25.64 -20.41 10.28
N ASP B 133 24.40 -20.72 9.93
CA ASP B 133 23.24 -20.08 10.51
C ASP B 133 22.65 -20.84 11.70
N THR B 134 23.39 -21.83 12.22
CA THR B 134 22.91 -22.66 13.34
C THR B 134 21.78 -23.57 12.86
N THR B 135 20.84 -22.95 12.16
CA THR B 135 19.67 -23.60 11.63
C THR B 135 18.77 -24.00 12.80
N GLY B 136 17.90 -23.06 13.19
CA GLY B 136 16.95 -23.30 14.26
C GLY B 136 15.84 -24.18 13.72
N SER B 137 14.62 -23.96 14.16
CA SER B 137 13.51 -24.79 13.69
C SER B 137 13.22 -24.47 12.23
N SER B 138 13.30 -23.19 11.88
CA SER B 138 13.02 -22.72 10.52
C SER B 138 14.07 -21.77 9.96
N VAL B 139 14.03 -21.61 8.65
CA VAL B 139 14.96 -20.74 7.93
C VAL B 139 14.18 -19.62 7.27
N THR B 140 14.70 -18.41 7.40
CA THR B 140 14.06 -17.25 6.79
C THR B 140 14.93 -16.66 5.69
N LEU B 141 14.52 -16.85 4.44
CA LEU B 141 15.25 -16.32 3.30
C LEU B 141 14.72 -14.92 2.94
N GLY B 142 15.33 -14.30 1.94
CA GLY B 142 14.89 -12.97 1.54
C GLY B 142 15.18 -12.61 0.11
N CYS B 143 14.58 -11.53 -0.35
CA CYS B 143 14.79 -11.10 -1.72
C CYS B 143 14.69 -9.60 -1.83
N LEU B 144 15.79 -8.96 -2.22
CA LEU B 144 15.84 -7.52 -2.36
C LEU B 144 15.78 -7.09 -3.81
N VAL B 145 14.74 -6.31 -4.13
CA VAL B 145 14.49 -5.78 -5.47
C VAL B 145 14.84 -4.30 -5.38
N LYS B 146 15.96 -3.91 -5.98
CA LYS B 146 16.41 -2.52 -5.86
C LYS B 146 16.58 -1.70 -7.13
N GLY B 147 16.55 -0.38 -6.92
CA GLY B 147 16.74 0.57 -8.00
C GLY B 147 15.86 0.60 -9.23
N TYR B 148 14.57 0.35 -9.08
CA TYR B 148 13.63 0.37 -10.22
C TYR B 148 12.68 1.58 -10.21
N PHE B 149 11.96 1.75 -11.32
CA PHE B 149 11.01 2.83 -11.50
C PHE B 149 10.34 2.61 -12.85
N PRO B 150 9.04 2.91 -12.97
CA PRO B 150 8.13 3.45 -11.96
C PRO B 150 7.63 2.32 -11.08
N GLU B 151 6.56 2.59 -10.34
CA GLU B 151 6.00 1.57 -9.47
C GLU B 151 5.22 0.53 -10.26
N SER B 152 5.11 -0.63 -9.63
CA SER B 152 4.46 -1.84 -10.10
C SER B 152 5.54 -2.86 -10.36
N VAL B 153 5.88 -3.55 -9.28
CA VAL B 153 6.83 -4.64 -9.32
C VAL B 153 6.02 -5.73 -8.62
N THR B 154 6.10 -6.94 -9.14
CA THR B 154 5.36 -8.03 -8.54
C THR B 154 6.36 -9.12 -8.11
N VAL B 155 6.23 -9.60 -6.86
CA VAL B 155 7.14 -10.63 -6.36
C VAL B 155 6.40 -11.84 -5.77
N THR B 156 6.65 -13.00 -6.37
CA THR B 156 6.07 -14.26 -5.88
C THR B 156 7.21 -15.23 -5.64
N TRP B 157 6.93 -16.25 -4.84
CA TRP B 157 7.94 -17.24 -4.53
C TRP B 157 7.56 -18.56 -5.16
N ASN B 158 8.49 -19.12 -5.93
CA ASN B 158 8.25 -20.40 -6.61
C ASN B 158 7.00 -20.31 -7.48
N SER B 159 6.92 -19.23 -8.25
CA SER B 159 5.78 -19.02 -9.13
C SER B 159 4.42 -19.00 -8.41
N GLY B 160 4.41 -18.66 -7.14
CA GLY B 160 3.16 -18.61 -6.38
C GLY B 160 2.85 -19.85 -5.56
N SER B 161 3.64 -20.93 -5.73
CA SER B 161 3.45 -22.19 -4.99
C SER B 161 3.64 -21.93 -3.50
N LEU B 162 4.69 -21.18 -3.19
CA LEU B 162 5.05 -20.83 -1.83
C LEU B 162 4.32 -19.53 -1.51
N SER B 163 3.16 -19.66 -0.88
CA SER B 163 2.32 -18.53 -0.53
C SER B 163 2.37 -18.13 0.94
N SER B 164 2.23 -19.11 1.84
CA SER B 164 2.23 -18.81 3.27
C SER B 164 3.57 -18.44 3.86
N SER B 165 3.51 -17.56 4.84
CA SER B 165 4.70 -17.11 5.54
C SER B 165 5.66 -16.25 4.68
N VAL B 166 5.12 -15.61 3.64
CA VAL B 166 5.94 -14.73 2.81
C VAL B 166 5.56 -13.30 3.23
N HIS B 167 6.51 -12.36 3.15
CA HIS B 167 6.23 -11.00 3.55
C HIS B 167 6.82 -9.98 2.58
N ALA B 168 5.98 -9.52 1.65
CA ALA B 168 6.40 -8.54 0.68
C ALA B 168 6.16 -7.17 1.28
N PHE B 169 7.25 -6.42 1.50
CA PHE B 169 7.20 -5.07 2.07
C PHE B 169 7.01 -4.01 0.98
N PRO B 170 6.18 -2.99 1.24
CA PRO B 170 5.90 -1.91 0.28
C PRO B 170 7.17 -1.24 -0.18
N ALA B 171 7.15 -0.72 -1.39
CA ALA B 171 8.32 -0.04 -1.94
C ALA B 171 8.52 1.37 -1.37
N LEU B 172 9.78 1.70 -1.07
CA LEU B 172 10.18 3.00 -0.55
C LEU B 172 10.91 3.71 -1.67
N LEU B 173 10.73 5.02 -1.75
CA LEU B 173 11.41 5.78 -2.78
C LEU B 173 12.60 6.43 -2.10
N GLN B 174 13.74 6.38 -2.77
CA GLN B 174 14.94 6.95 -2.23
C GLN B 174 15.82 7.24 -3.42
N SER B 175 15.99 8.53 -3.69
CA SER B 175 16.78 8.98 -4.82
C SER B 175 16.00 8.71 -6.11
N ASP B 176 14.72 9.08 -6.09
CA ASP B 176 13.82 8.91 -7.23
C ASP B 176 13.98 7.50 -7.80
N LEU B 177 14.03 6.53 -6.90
CA LEU B 177 14.22 5.13 -7.29
C LEU B 177 13.66 4.24 -6.18
N TYR B 178 12.88 3.24 -6.58
CA TYR B 178 12.26 2.31 -5.63
C TYR B 178 13.13 1.14 -5.18
N THR B 179 12.89 0.72 -3.95
CA THR B 179 13.58 -0.43 -3.37
C THR B 179 12.48 -1.23 -2.74
N MET B 180 12.61 -2.55 -2.78
CA MET B 180 11.59 -3.39 -2.19
C MET B 180 12.20 -4.71 -1.78
N SER B 181 11.58 -5.39 -0.83
CA SER B 181 12.07 -6.67 -0.34
C SER B 181 10.97 -7.64 0.01
N SER B 182 11.34 -8.88 0.21
CA SER B 182 10.37 -9.89 0.56
C SER B 182 11.08 -11.07 1.22
N SER B 183 10.64 -11.39 2.42
CA SER B 183 11.17 -12.50 3.15
C SER B 183 10.18 -13.66 3.06
N VAL B 184 10.69 -14.88 3.16
CA VAL B 184 9.84 -16.06 3.13
C VAL B 184 10.41 -16.98 4.20
N THR B 185 9.56 -17.80 4.81
CA THR B 185 10.01 -18.68 5.85
C THR B 185 9.43 -20.07 5.66
N VAL B 186 10.31 -21.06 5.71
CA VAL B 186 9.94 -22.47 5.56
C VAL B 186 10.63 -23.24 6.67
N PRO B 187 10.35 -24.56 6.83
CA PRO B 187 11.05 -25.26 7.91
C PRO B 187 12.45 -25.60 7.44
N SER B 188 13.37 -25.71 8.39
CA SER B 188 14.76 -26.04 8.10
C SER B 188 14.93 -27.24 7.16
N SER B 189 13.96 -28.14 7.17
CA SER B 189 13.98 -29.35 6.35
C SER B 189 13.68 -29.05 4.89
N THR B 190 13.01 -27.93 4.62
CA THR B 190 12.65 -27.55 3.25
C THR B 190 13.82 -26.98 2.46
N TRP B 191 14.53 -26.03 3.09
CA TRP B 191 15.65 -25.40 2.44
C TRP B 191 16.94 -25.80 3.14
N PRO B 192 17.99 -26.10 2.36
CA PRO B 192 18.02 -26.07 0.90
C PRO B 192 17.82 -27.36 0.11
N SER B 193 17.00 -28.29 0.60
CA SER B 193 16.78 -29.51 -0.19
C SER B 193 15.84 -29.15 -1.34
N GLN B 194 14.73 -28.50 -1.00
CA GLN B 194 13.77 -28.07 -2.01
C GLN B 194 14.15 -26.65 -2.45
N THR B 195 14.17 -26.45 -3.76
CA THR B 195 14.50 -25.16 -4.39
C THR B 195 13.54 -24.05 -4.00
N VAL B 196 14.11 -22.91 -3.63
CA VAL B 196 13.32 -21.73 -3.30
C VAL B 196 13.80 -20.58 -4.21
N THR B 197 12.96 -20.21 -5.18
CA THR B 197 13.29 -19.15 -6.13
C THR B 197 12.46 -17.88 -5.93
N CYS B 198 13.05 -16.75 -6.29
CA CYS B 198 12.41 -15.45 -6.15
C CYS B 198 11.95 -15.05 -7.54
N SER B 199 10.65 -14.79 -7.69
CA SER B 199 10.09 -14.42 -8.99
C SER B 199 9.72 -12.95 -9.02
N VAL B 200 10.45 -12.16 -9.79
CA VAL B 200 10.19 -10.72 -9.88
C VAL B 200 9.85 -10.25 -11.28
N ALA B 201 8.91 -9.30 -11.36
CA ALA B 201 8.48 -8.75 -12.64
C ALA B 201 8.26 -7.24 -12.57
N HIS B 202 8.82 -6.53 -13.54
CA HIS B 202 8.66 -5.09 -13.64
C HIS B 202 8.23 -4.87 -15.07
N PRO B 203 6.91 -4.89 -15.32
CA PRO B 203 6.30 -4.70 -16.64
C PRO B 203 6.74 -3.42 -17.35
N ALA B 204 6.91 -2.35 -16.58
CA ALA B 204 7.30 -1.08 -17.16
C ALA B 204 8.56 -1.21 -17.98
N SER B 205 9.51 -2.01 -17.48
CA SER B 205 10.79 -2.24 -18.14
C SER B 205 10.86 -3.60 -18.78
N SER B 206 9.72 -4.30 -18.85
CA SER B 206 9.64 -5.64 -19.44
C SER B 206 10.60 -6.66 -18.82
N THR B 207 10.98 -6.42 -17.57
CA THR B 207 11.88 -7.35 -16.91
C THR B 207 11.18 -8.34 -16.01
N THR B 208 11.63 -9.57 -16.13
CA THR B 208 11.12 -10.70 -15.37
C THR B 208 12.37 -11.51 -15.07
N VAL B 209 12.75 -11.58 -13.80
CA VAL B 209 13.92 -12.34 -13.45
C VAL B 209 13.62 -13.23 -12.24
N ASP B 210 14.15 -14.45 -12.28
CA ASP B 210 14.00 -15.38 -11.17
C ASP B 210 15.35 -15.49 -10.48
N LYS B 211 15.37 -15.42 -9.16
CA LYS B 211 16.63 -15.51 -8.43
C LYS B 211 16.52 -16.54 -7.30
N LYS B 212 17.01 -17.76 -7.52
CA LYS B 212 16.93 -18.77 -6.45
C LYS B 212 17.94 -18.48 -5.37
N LEU B 213 17.58 -18.80 -4.13
CA LEU B 213 18.46 -18.54 -3.01
C LEU B 213 19.41 -19.70 -2.71
N GLU B 214 20.61 -19.61 -3.28
CA GLU B 214 21.63 -20.61 -3.07
C GLU B 214 22.18 -20.35 -1.65
N PRO B 215 22.53 -21.41 -0.91
CA PRO B 215 23.07 -21.21 0.44
C PRO B 215 24.53 -20.76 0.43
N LYS B 216 24.96 -20.01 1.44
CA LYS B 216 26.36 -19.58 1.53
C LYS B 216 27.18 -20.70 2.19
N ASP B 217 26.59 -21.32 3.23
CA ASP B 217 27.23 -22.40 3.97
C ASP B 217 26.72 -23.81 3.59
N CYS B 218 26.43 -24.63 4.61
CA CYS B 218 25.92 -25.99 4.43
C CYS B 218 25.62 -26.65 5.78
CD CD C . 34.11 -9.19 0.93
CD CD D . 12.29 13.25 -6.35
O6 HAZ E . -35.08 5.99 -16.19
C25 HAZ E . -34.61 6.07 -14.96
O5 HAZ E . -34.83 5.27 -14.04
C22 HAZ E . -31.60 8.21 -13.66
C23 HAZ E . -32.49 6.98 -13.88
C24 HAZ E . -33.72 7.30 -14.75
C21 HAZ E . -30.37 7.88 -12.81
O4 HAZ E . -29.80 6.80 -12.91
N3 HAZ E . -29.95 8.82 -11.95
C15 HAZ E . -26.83 8.90 -9.30
C16 HAZ E . -27.29 7.66 -9.82
C17 HAZ E . -28.35 7.63 -10.73
C18 HAZ E . -28.98 8.85 -11.11
C19 HAZ E . -28.54 10.07 -10.60
C20 HAZ E . -27.46 10.11 -9.70
N2 HAZ E . -25.84 8.92 -8.48
C14 HAZ E . -25.15 9.94 -7.92
O3 HAZ E . -25.42 11.12 -8.16
C1 HAZ E . -20.73 11.13 -5.46
C10 HAZ E . -20.95 9.60 -5.51
C11 HAZ E . -18.13 6.84 -5.15
C12 HAZ E . -21.88 9.06 -4.40
C2 HAZ E . -21.91 11.96 -5.99
C3 HAZ E . -22.36 11.49 -7.39
O2 HAZ E . -22.59 9.73 -8.83
C13 HAZ E . -23.99 9.56 -7.00
N1 HAZ E . -22.62 10.00 -7.49
C5 HAZ E . -21.43 9.24 -6.93
C6 HAZ E . -21.63 7.73 -6.98
C7 HAZ E . -20.27 7.00 -6.85
C8 HAZ E . -19.28 7.59 -5.78
C9 HAZ E . -19.58 8.86 -5.22
O1 HAZ E . -18.63 9.15 -6.01
#